data_3CK1
#
_entry.id   3CK1
#
_cell.length_a   77.067
_cell.length_b   77.067
_cell.length_c   242.859
_cell.angle_alpha   90.000
_cell.angle_beta   90.000
_cell.angle_gamma   120.000
#
_symmetry.space_group_name_H-M   'P 61 2 2'
#
loop_
_entity.id
_entity.type
_entity.pdbx_description
1 polymer 'Putative thioesterase'
2 non-polymer 'CHLORIDE ION'
3 non-polymer GLYCEROL
4 water water
#
_entity_poly.entity_id   1
_entity_poly.type   'polypeptide(L)'
_entity_poly.pdbx_seq_one_letter_code
;G(MSE)TAVFRNTVLVRFKHCDAAGIVFYPRYFE(MSE)LNDFIEDWFAQALDWPFDA(MSE)HGAGQAGVPTADLHCRF
VAPSRLGETLTRELRVVKLGQSSFTVQVRF(MSE)GPDSGLRLEVTQRLVCVDTDKIAPRPLPDPVRQA(MSE)ATYVDE
TLAATGSPGL
;
_entity_poly.pdbx_strand_id   A,B
#
# COMPACT_ATOMS: atom_id res chain seq x y z
N GLY A 1 -6.55 -21.08 17.28
CA GLY A 1 -7.28 -22.48 16.90
C GLY A 1 -6.53 -23.38 15.82
N THR A 3 -7.58 -23.85 12.32
CA THR A 3 -7.65 -23.31 10.97
C THR A 3 -6.19 -23.11 10.51
N ALA A 4 -5.96 -23.05 9.19
CA ALA A 4 -4.61 -23.01 8.71
C ALA A 4 -4.02 -21.56 8.65
N VAL A 5 -2.70 -21.52 8.73
CA VAL A 5 -1.92 -20.37 8.45
C VAL A 5 -0.97 -20.79 7.33
N PHE A 6 -0.68 -19.86 6.45
CA PHE A 6 0.40 -20.05 5.44
C PHE A 6 1.56 -19.17 5.86
N ARG A 7 2.75 -19.75 5.91
CA ARG A 7 3.95 -19.03 6.39
C ARG A 7 5.17 -19.17 5.50
N ASN A 8 5.93 -18.09 5.39
CA ASN A 8 7.29 -18.17 4.89
C ASN A 8 8.10 -16.96 5.31
N THR A 9 9.35 -16.91 4.86
CA THR A 9 10.22 -15.80 5.30
C THR A 9 10.70 -14.99 4.09
N VAL A 10 11.17 -13.79 4.37
CA VAL A 10 11.69 -12.90 3.36
C VAL A 10 12.83 -12.07 3.95
N LEU A 11 13.93 -12.00 3.22
CA LEU A 11 15.08 -11.16 3.60
C LEU A 11 14.88 -9.73 3.15
N VAL A 12 15.07 -8.78 4.06
CA VAL A 12 15.08 -7.39 3.72
C VAL A 12 16.43 -7.02 3.01
N ARG A 13 16.27 -6.59 1.77
CA ARG A 13 17.38 -6.33 0.85
C ARG A 13 17.64 -4.86 0.56
N PHE A 14 18.79 -4.63 -0.05
CA PHE A 14 19.24 -3.30 -0.41
C PHE A 14 18.20 -2.62 -1.33
N LYS A 15 17.57 -3.39 -2.20
CA LYS A 15 16.58 -2.82 -3.14
C LYS A 15 15.33 -2.30 -2.41
N HIS A 16 15.10 -2.80 -1.20
CA HIS A 16 13.91 -2.46 -0.41
C HIS A 16 14.03 -1.20 0.45
N CYS A 17 15.24 -0.72 0.64
CA CYS A 17 15.52 0.26 1.71
C CYS A 17 15.86 1.64 1.17
N ASP A 18 15.48 2.63 1.96
N ASP A 18 15.42 2.67 1.92
CA ASP A 18 15.85 3.98 1.74
CA ASP A 18 15.36 4.07 1.46
C ASP A 18 17.28 4.27 2.21
C ASP A 18 16.21 5.05 2.25
N ALA A 19 17.62 5.55 2.19
N ALA A 19 16.00 6.35 1.96
CA ALA A 19 18.95 6.02 2.49
CA ALA A 19 16.81 7.44 2.55
C ALA A 19 19.39 5.72 3.91
C ALA A 19 16.39 7.86 4.00
N ALA A 20 18.43 5.38 4.77
N ALA A 20 15.40 7.19 4.55
CA ALA A 20 18.72 5.04 6.16
CA ALA A 20 15.14 7.24 6.00
C ALA A 20 18.84 3.53 6.34
C ALA A 20 15.82 6.10 6.76
N GLY A 21 18.59 2.79 5.27
N GLY A 21 16.52 5.21 6.05
CA GLY A 21 18.65 1.32 5.35
CA GLY A 21 17.21 4.10 6.71
C GLY A 21 17.38 0.82 6.04
C GLY A 21 16.34 2.86 6.97
N ILE A 22 16.28 1.58 5.91
N ILE A 22 15.15 2.82 6.38
CA ILE A 22 14.91 1.21 6.39
CA ILE A 22 14.23 1.72 6.67
C ILE A 22 13.93 0.95 5.24
C ILE A 22 13.65 1.18 5.36
N VAL A 23 12.97 0.05 5.43
CA VAL A 23 12.15 -0.40 4.29
C VAL A 23 11.20 0.74 3.89
N PHE A 24 11.22 0.98 2.60
CA PHE A 24 10.39 2.01 1.91
C PHE A 24 9.01 1.37 1.66
N TYR A 25 7.94 2.01 2.09
CA TYR A 25 6.68 1.28 2.16
C TYR A 25 6.13 0.60 0.92
N PRO A 26 6.29 1.18 -0.30
CA PRO A 26 5.80 0.48 -1.49
C PRO A 26 6.47 -0.88 -1.63
N ARG A 27 7.68 -0.99 -1.09
CA ARG A 27 8.46 -2.24 -1.17
C ARG A 27 7.87 -3.35 -0.30
N TYR A 28 7.25 -2.99 0.83
CA TYR A 28 6.48 -3.95 1.58
C TYR A 28 5.41 -4.58 0.74
N PHE A 29 4.80 -3.79 -0.13
CA PHE A 29 3.68 -4.27 -0.95
C PHE A 29 4.15 -5.23 -2.07
N GLU A 30 5.38 -5.03 -2.56
N GLU A 30 5.36 -5.01 -2.54
CA GLU A 30 6.02 -6.04 -3.44
CA GLU A 30 6.07 -5.97 -3.40
C GLU A 30 6.23 -7.35 -2.66
C GLU A 30 6.15 -7.31 -2.63
N LEU A 32 4.38 -8.31 -0.14
CA LEU A 32 3.05 -8.81 0.12
C LEU A 32 2.57 -9.58 -1.13
N ASN A 33 2.68 -8.94 -2.28
CA ASN A 33 2.27 -9.65 -3.51
C ASN A 33 3.02 -10.95 -3.75
N ASP A 34 4.33 -10.92 -3.52
CA ASP A 34 5.16 -12.13 -3.64
C ASP A 34 4.63 -13.24 -2.73
N PHE A 35 4.20 -12.84 -1.52
CA PHE A 35 3.64 -13.80 -0.54
C PHE A 35 2.31 -14.40 -1.01
N ILE A 36 1.42 -13.56 -1.51
CA ILE A 36 0.16 -14.07 -2.12
C ILE A 36 0.43 -15.03 -3.28
N GLU A 37 1.42 -14.66 -4.11
CA GLU A 37 1.87 -15.48 -5.26
C GLU A 37 2.30 -16.84 -4.76
N ASP A 38 3.08 -16.83 -3.70
CA ASP A 38 3.55 -18.06 -3.05
C ASP A 38 2.40 -18.92 -2.54
N TRP A 39 1.48 -18.28 -1.85
CA TRP A 39 0.31 -18.97 -1.31
C TRP A 39 -0.48 -19.68 -2.44
N PHE A 40 -0.71 -18.97 -3.54
CA PHE A 40 -1.40 -19.54 -4.70
C PHE A 40 -0.65 -20.72 -5.30
N ALA A 41 0.66 -20.61 -5.43
CA ALA A 41 1.45 -21.68 -6.03
C ALA A 41 1.56 -22.88 -5.12
N GLN A 42 1.89 -22.64 -3.85
N GLN A 42 1.83 -22.59 -3.85
CA GLN A 42 2.18 -23.72 -2.90
CA GLN A 42 2.27 -23.62 -2.91
C GLN A 42 0.94 -24.33 -2.30
C GLN A 42 1.15 -24.24 -2.06
N ALA A 43 0.08 -23.48 -1.81
CA ALA A 43 -1.09 -23.95 -1.01
C ALA A 43 -2.35 -24.19 -1.81
N LEU A 44 -2.57 -23.38 -2.84
CA LEU A 44 -3.83 -23.41 -3.57
C LEU A 44 -3.77 -24.12 -4.94
N ASP A 45 -2.57 -24.55 -5.32
N ASP A 45 -2.54 -24.51 -5.30
CA ASP A 45 -2.38 -25.29 -6.58
CA ASP A 45 -2.23 -25.22 -6.54
C ASP A 45 -2.90 -24.48 -7.77
C ASP A 45 -2.80 -24.49 -7.77
N TRP A 46 -2.67 -23.17 -7.75
CA TRP A 46 -3.04 -22.32 -8.90
C TRP A 46 -2.00 -21.20 -9.07
N PRO A 47 -0.82 -21.57 -9.54
CA PRO A 47 0.27 -20.58 -9.66
C PRO A 47 -0.07 -19.46 -10.65
N PHE A 48 0.56 -18.30 -10.42
CA PHE A 48 0.31 -17.10 -11.20
C PHE A 48 0.58 -17.31 -12.68
N ASP A 49 1.57 -18.15 -13.00
CA ASP A 49 1.87 -18.41 -14.41
C ASP A 49 0.69 -19.05 -15.13
N ALA A 50 0.09 -20.05 -14.50
CA ALA A 50 -1.04 -20.78 -15.03
C ALA A 50 -2.25 -19.85 -15.03
N HIS A 52 -2.49 -16.50 -15.14
CA HIS A 52 -2.44 -15.37 -16.06
C HIS A 52 -2.25 -15.83 -17.51
N GLY A 53 -1.86 -17.07 -17.67
CA GLY A 53 -1.57 -17.63 -18.97
C GLY A 53 -2.82 -18.25 -19.52
N ALA A 54 -2.80 -19.57 -19.52
CA ALA A 54 -3.94 -20.41 -19.96
C ALA A 54 -5.23 -19.98 -19.30
N GLY A 55 -5.11 -19.62 -18.03
CA GLY A 55 -6.27 -19.29 -17.21
C GLY A 55 -6.99 -18.00 -17.59
N GLN A 56 -6.29 -17.11 -18.29
CA GLN A 56 -6.83 -15.76 -18.62
C GLN A 56 -7.55 -15.13 -17.43
N ALA A 57 -6.88 -15.21 -16.28
CA ALA A 57 -7.44 -14.75 -15.01
C ALA A 57 -6.43 -13.94 -14.20
N GLY A 58 -6.97 -13.27 -13.21
CA GLY A 58 -6.20 -12.43 -12.27
C GLY A 58 -6.91 -12.35 -10.94
N VAL A 59 -6.16 -11.93 -9.92
CA VAL A 59 -6.68 -11.66 -8.59
C VAL A 59 -6.31 -10.22 -8.14
N PRO A 60 -6.78 -9.22 -8.88
CA PRO A 60 -6.48 -7.82 -8.53
C PRO A 60 -7.08 -7.46 -7.16
N THR A 61 -6.38 -6.57 -6.50
CA THR A 61 -6.77 -6.09 -5.18
C THR A 61 -7.89 -5.04 -5.26
N ALA A 62 -8.92 -5.23 -4.43
CA ALA A 62 -10.03 -4.29 -4.30
C ALA A 62 -9.86 -3.30 -3.14
N ASP A 63 -9.25 -3.79 -2.06
N ASP A 63 -9.29 -3.80 -2.04
CA ASP A 63 -9.15 -3.00 -0.86
CA ASP A 63 -9.16 -3.01 -0.82
C ASP A 63 -7.97 -3.51 -0.03
C ASP A 63 -7.91 -3.46 -0.07
N LEU A 64 -7.32 -2.58 0.65
N LEU A 64 -7.16 -2.51 0.45
CA LEU A 64 -6.10 -2.90 1.39
CA LEU A 64 -6.03 -2.79 1.36
C LEU A 64 -5.98 -1.94 2.55
C LEU A 64 -6.22 -1.93 2.61
N HIS A 65 -5.93 -2.50 3.75
CA HIS A 65 -5.76 -1.71 4.95
C HIS A 65 -4.56 -2.18 5.71
N CYS A 66 -3.51 -1.37 5.74
N CYS A 66 -3.72 -1.21 6.05
CA CYS A 66 -2.24 -1.75 6.30
CA CYS A 66 -2.39 -1.47 6.56
C CYS A 66 -1.79 -0.86 7.44
C CYS A 66 -2.09 -0.68 7.82
N ARG A 67 -1.40 -1.49 8.53
N ARG A 67 -1.46 -1.37 8.77
CA ARG A 67 -0.85 -0.76 9.66
CA ARG A 67 -0.88 -0.70 9.92
C ARG A 67 0.63 -1.06 9.77
C ARG A 67 0.60 -1.04 9.93
N PHE A 68 1.43 0.00 9.77
CA PHE A 68 2.89 -0.16 9.89
C PHE A 68 3.26 0.04 11.35
N VAL A 69 3.53 -1.06 12.03
CA VAL A 69 3.72 -1.07 13.46
C VAL A 69 5.12 -0.68 13.90
N ALA A 70 6.14 -1.20 13.23
CA ALA A 70 7.51 -0.87 13.58
C ALA A 70 8.32 -1.03 12.31
N PRO A 71 9.40 -0.27 12.22
CA PRO A 71 10.23 -0.31 10.98
C PRO A 71 11.05 -1.57 10.85
N SER A 72 11.37 -1.87 9.59
CA SER A 72 12.26 -2.97 9.24
C SER A 72 13.48 -2.41 8.52
N ARG A 73 14.59 -3.12 8.70
CA ARG A 73 15.90 -2.69 8.27
C ARG A 73 16.64 -3.73 7.42
N LEU A 74 17.51 -3.17 6.61
CA LEU A 74 18.39 -3.91 5.72
C LEU A 74 18.99 -5.11 6.50
N GLY A 75 18.85 -6.27 5.91
CA GLY A 75 19.50 -7.50 6.42
C GLY A 75 18.68 -8.30 7.40
N GLU A 76 17.56 -7.76 7.85
CA GLU A 76 16.64 -8.54 8.71
C GLU A 76 15.87 -9.57 7.90
N THR A 77 15.64 -10.71 8.53
CA THR A 77 14.69 -11.67 7.99
C THR A 77 13.34 -11.53 8.67
N LEU A 78 12.31 -11.33 7.87
CA LEU A 78 10.94 -11.20 8.37
C LEU A 78 10.18 -12.51 8.09
N THR A 79 9.23 -12.80 8.97
CA THR A 79 8.37 -13.93 8.79
C THR A 79 6.98 -13.42 8.39
N ARG A 80 6.45 -14.02 7.34
CA ARG A 80 5.17 -13.67 6.77
C ARG A 80 4.16 -14.77 7.12
N GLU A 81 2.97 -14.37 7.64
CA GLU A 81 1.89 -15.30 7.98
C GLU A 81 0.55 -14.80 7.41
N LEU A 82 -0.17 -15.71 6.75
CA LEU A 82 -1.46 -15.42 6.13
C LEU A 82 -2.56 -16.27 6.72
N ARG A 83 -3.70 -15.63 6.95
CA ARG A 83 -4.97 -16.27 7.31
C ARG A 83 -6.02 -15.76 6.35
N VAL A 84 -7.12 -16.52 6.20
CA VAL A 84 -8.26 -16.04 5.40
C VAL A 84 -9.32 -15.54 6.36
N VAL A 85 -9.78 -14.32 6.10
CA VAL A 85 -10.79 -13.67 6.91
C VAL A 85 -12.24 -13.97 6.42
N LYS A 86 -12.42 -13.99 5.11
CA LYS A 86 -13.73 -13.96 4.47
C LYS A 86 -13.51 -14.59 3.11
N LEU A 87 -14.48 -15.37 2.65
CA LEU A 87 -14.38 -16.05 1.35
C LEU A 87 -15.74 -16.06 0.66
N GLY A 88 -15.84 -15.43 -0.49
CA GLY A 88 -17.05 -15.43 -1.29
C GLY A 88 -16.87 -16.37 -2.46
N GLN A 89 -17.59 -16.13 -3.53
CA GLN A 89 -17.47 -17.00 -4.70
C GLN A 89 -16.34 -16.52 -5.62
N SER A 90 -16.19 -15.20 -5.67
CA SER A 90 -15.21 -14.51 -6.50
C SER A 90 -14.17 -13.68 -5.67
N SER A 91 -14.65 -13.05 -4.62
CA SER A 91 -13.87 -12.19 -3.70
C SER A 91 -13.38 -13.05 -2.54
N PHE A 92 -12.26 -12.62 -2.01
CA PHE A 92 -11.69 -13.22 -0.81
C PHE A 92 -10.85 -12.20 -0.07
N THR A 93 -10.87 -12.30 1.25
CA THR A 93 -10.17 -11.37 2.10
C THR A 93 -9.17 -12.13 2.96
N VAL A 94 -7.93 -11.64 2.92
CA VAL A 94 -6.86 -12.23 3.73
C VAL A 94 -6.33 -11.22 4.76
N GLN A 95 -5.72 -11.76 5.81
CA GLN A 95 -4.98 -10.94 6.77
C GLN A 95 -3.56 -11.48 6.79
N VAL A 96 -2.62 -10.57 6.63
CA VAL A 96 -1.20 -10.90 6.56
C VAL A 96 -0.46 -10.10 7.62
N ARG A 97 0.40 -10.81 8.35
CA ARG A 97 1.29 -10.14 9.32
C ARG A 97 2.73 -10.44 8.93
N PHE A 98 3.60 -9.43 9.05
CA PHE A 98 5.03 -9.55 8.88
C PHE A 98 5.62 -9.34 10.31
N GLY A 100 9.25 -9.46 12.76
CA GLY A 100 10.69 -9.36 12.73
C GLY A 100 11.33 -10.59 13.33
N PRO A 101 12.67 -10.63 13.30
CA PRO A 101 13.39 -11.83 13.71
C PRO A 101 13.28 -12.13 15.21
N ASP A 102 12.92 -11.13 16.00
CA ASP A 102 12.67 -11.34 17.44
C ASP A 102 11.20 -11.23 17.81
N SER A 103 10.38 -11.54 16.81
CA SER A 103 8.95 -11.73 16.91
C SER A 103 8.12 -10.46 17.02
N GLY A 104 8.73 -9.30 16.86
CA GLY A 104 7.96 -8.04 16.88
C GLY A 104 7.12 -7.87 15.62
N LEU A 105 5.88 -7.44 15.79
CA LEU A 105 5.01 -7.19 14.64
C LEU A 105 5.55 -5.97 13.93
N ARG A 106 5.71 -6.10 12.62
CA ARG A 106 6.20 -4.99 11.77
C ARG A 106 5.04 -4.38 10.97
N LEU A 107 4.20 -5.22 10.40
N LEU A 107 4.20 -5.24 10.44
CA LEU A 107 3.02 -4.70 9.69
CA LEU A 107 3.12 -4.85 9.50
C LEU A 107 1.93 -5.74 9.61
C LEU A 107 1.92 -5.79 9.70
N GLU A 108 0.72 -5.23 9.67
CA GLU A 108 -0.46 -6.04 9.57
C GLU A 108 -1.37 -5.46 8.51
N VAL A 109 -1.80 -6.29 7.58
N VAL A 109 -1.78 -6.32 7.60
CA VAL A 109 -2.59 -5.82 6.43
CA VAL A 109 -2.54 -5.97 6.41
C VAL A 109 -3.73 -6.78 6.13
C VAL A 109 -3.82 -6.82 6.36
N THR A 110 -4.92 -6.19 6.01
CA THR A 110 -6.15 -6.89 5.59
C THR A 110 -6.36 -6.45 4.14
N GLN A 111 -6.51 -7.45 3.27
CA GLN A 111 -6.53 -7.25 1.85
C GLN A 111 -7.64 -8.04 1.23
N ARG A 112 -8.50 -7.37 0.47
CA ARG A 112 -9.56 -8.00 -0.30
C ARG A 112 -9.18 -8.03 -1.77
N LEU A 113 -9.20 -9.24 -2.31
CA LEU A 113 -8.92 -9.49 -3.72
C LEU A 113 -10.13 -10.09 -4.41
N VAL A 114 -10.19 -9.89 -5.72
N VAL A 114 -10.19 -9.92 -5.72
CA VAL A 114 -11.30 -10.38 -6.54
CA VAL A 114 -11.30 -10.42 -6.51
C VAL A 114 -10.78 -11.14 -7.74
C VAL A 114 -10.79 -11.14 -7.74
N CYS A 115 -11.35 -12.32 -7.97
CA CYS A 115 -10.99 -13.13 -9.14
C CYS A 115 -11.67 -12.54 -10.37
N VAL A 116 -10.88 -12.34 -11.42
CA VAL A 116 -11.40 -11.70 -12.63
C VAL A 116 -10.92 -12.40 -13.89
N ASP A 117 -11.69 -12.24 -14.96
N ASP A 117 -11.67 -12.22 -14.97
CA ASP A 117 -11.25 -12.49 -16.31
CA ASP A 117 -11.28 -12.64 -16.31
C ASP A 117 -10.38 -11.37 -16.72
C ASP A 117 -10.55 -11.48 -16.97
N THR A 118 -9.30 -11.68 -17.40
CA THR A 118 -8.43 -10.58 -17.88
C THR A 118 -8.66 -10.22 -19.35
N ASP A 119 -9.51 -11.00 -19.98
CA ASP A 119 -9.88 -10.79 -21.38
C ASP A 119 -11.38 -10.60 -21.53
N LYS A 120 -11.91 -9.41 -21.27
CA LYS A 120 -11.23 -8.33 -20.54
C LYS A 120 -11.95 -8.18 -19.22
N ILE A 121 -11.48 -7.24 -18.40
CA ILE A 121 -11.66 -7.33 -16.94
C ILE A 121 -13.16 -7.51 -16.66
N ALA A 122 -13.47 -8.44 -15.75
CA ALA A 122 -14.83 -8.80 -15.37
C ALA A 122 -14.75 -9.83 -14.28
N PRO A 123 -15.47 -9.66 -13.15
CA PRO A 123 -15.32 -10.66 -12.10
C PRO A 123 -15.79 -12.02 -12.55
N ARG A 124 -15.19 -13.03 -11.96
CA ARG A 124 -15.57 -14.42 -12.17
C ARG A 124 -15.40 -15.21 -10.88
N PRO A 125 -16.09 -16.35 -10.76
CA PRO A 125 -15.84 -17.16 -9.58
C PRO A 125 -14.45 -17.79 -9.57
N LEU A 126 -13.92 -17.95 -8.37
CA LEU A 126 -12.74 -18.76 -8.17
C LEU A 126 -12.97 -20.19 -8.68
N PRO A 127 -11.90 -20.82 -9.20
CA PRO A 127 -12.02 -22.25 -9.51
C PRO A 127 -12.47 -23.01 -8.28
N ASP A 128 -13.31 -24.01 -8.48
CA ASP A 128 -13.85 -24.74 -7.32
C ASP A 128 -12.78 -25.28 -6.34
N PRO A 129 -11.73 -25.93 -6.86
CA PRO A 129 -10.71 -26.50 -5.97
C PRO A 129 -9.92 -25.44 -5.23
N VAL A 130 -9.80 -24.28 -5.86
CA VAL A 130 -9.08 -23.18 -5.24
C VAL A 130 -9.90 -22.67 -4.06
N ARG A 131 -11.18 -22.46 -4.30
N ARG A 131 -11.17 -22.44 -4.30
CA ARG A 131 -12.07 -21.98 -3.25
CA ARG A 131 -12.05 -21.99 -3.22
C ARG A 131 -12.13 -22.97 -2.08
C ARG A 131 -11.99 -22.99 -2.07
N GLN A 132 -12.12 -24.26 -2.41
CA GLN A 132 -12.07 -25.32 -1.41
C GLN A 132 -10.79 -25.27 -0.58
N ALA A 133 -9.67 -25.05 -1.26
CA ALA A 133 -8.39 -24.97 -0.56
C ALA A 133 -8.35 -23.73 0.34
N ALA A 135 -10.82 -22.31 1.84
CA ALA A 135 -11.74 -22.56 2.98
C ALA A 135 -11.00 -23.10 4.24
N THR A 136 -9.92 -23.83 4.03
CA THR A 136 -9.18 -24.42 5.16
C THR A 136 -8.41 -23.34 6.01
N TYR A 137 -8.25 -22.15 5.43
CA TYR A 137 -7.42 -21.08 6.02
C TYR A 137 -8.22 -20.05 6.81
N VAL A 138 -9.52 -20.32 6.80
CA VAL A 138 -10.52 -19.34 7.26
C VAL A 138 -10.48 -19.32 8.78
N ASP A 139 -10.28 -18.12 9.32
CA ASP A 139 -10.32 -17.90 10.76
C ASP A 139 -11.55 -17.04 11.08
N GLU A 140 -12.60 -17.72 11.52
CA GLU A 140 -13.92 -17.06 11.72
C GLU A 140 -13.91 -15.97 12.82
N THR A 141 -12.84 -15.92 13.61
CA THR A 141 -12.69 -14.86 14.61
C THR A 141 -12.30 -13.51 14.00
N LEU A 142 -11.78 -13.53 12.79
CA LEU A 142 -11.11 -12.35 12.23
C LEU A 142 -12.08 -11.27 11.73
N ALA A 143 -13.22 -11.69 11.18
CA ALA A 143 -14.23 -10.76 10.65
C ALA A 143 -15.30 -10.48 11.68
N GLY B 1 -16.10 26.21 3.13
CA GLY B 1 -15.16 27.30 3.51
C GLY B 1 -13.96 27.28 2.56
N THR B 3 -10.10 26.69 1.42
CA THR B 3 -9.24 25.61 1.55
C THR B 3 -8.25 25.62 0.32
N ALA B 4 -7.58 24.50 0.14
CA ALA B 4 -6.74 24.23 -1.05
C ALA B 4 -6.76 22.74 -1.29
N VAL B 5 -6.63 22.33 -2.55
CA VAL B 5 -6.46 20.95 -2.92
C VAL B 5 -5.21 20.89 -3.81
N PHE B 6 -4.26 20.01 -3.45
CA PHE B 6 -3.02 19.88 -4.22
C PHE B 6 -3.30 18.88 -5.32
N ARG B 7 -2.97 19.22 -6.56
CA ARG B 7 -3.30 18.38 -7.69
C ARG B 7 -2.22 18.40 -8.75
N ASN B 8 -1.94 17.25 -9.31
CA ASN B 8 -1.05 17.15 -10.47
C ASN B 8 -1.36 15.86 -11.24
N THR B 9 -0.61 15.60 -12.30
CA THR B 9 -0.92 14.44 -13.15
C THR B 9 0.29 13.53 -13.19
N VAL B 10 0.00 12.30 -13.57
CA VAL B 10 1.00 11.26 -13.78
C VAL B 10 0.58 10.34 -14.93
N LEU B 11 1.56 10.08 -15.80
CA LEU B 11 1.40 9.12 -16.93
C LEU B 11 1.63 7.67 -16.45
N VAL B 12 0.70 6.80 -16.84
CA VAL B 12 0.83 5.37 -16.58
C VAL B 12 1.78 4.81 -17.66
N ARG B 13 2.88 4.26 -17.18
CA ARG B 13 4.01 3.82 -17.98
C ARG B 13 4.18 2.31 -18.02
N PHE B 14 4.98 1.86 -18.97
CA PHE B 14 5.29 0.46 -19.14
C PHE B 14 5.80 -0.18 -17.85
N LYS B 15 6.60 0.56 -17.13
CA LYS B 15 7.20 0.05 -15.88
C LYS B 15 6.15 -0.23 -14.80
N HIS B 16 4.98 0.40 -14.92
CA HIS B 16 3.90 0.26 -13.94
C HIS B 16 2.96 -0.93 -14.15
N CYS B 17 2.96 -1.48 -15.35
CA CYS B 17 1.91 -2.41 -15.82
C CYS B 17 2.36 -3.86 -15.84
N ASP B 18 1.41 -4.75 -15.55
CA ASP B 18 1.66 -6.16 -15.27
C ASP B 18 1.02 -7.13 -16.25
N ALA B 19 1.13 -8.41 -15.93
CA ALA B 19 0.57 -9.53 -16.72
C ALA B 19 -0.97 -9.73 -16.67
N ALA B 20 -1.64 -9.00 -15.79
CA ALA B 20 -3.12 -8.86 -15.81
C ALA B 20 -3.56 -7.74 -16.77
N GLY B 21 -2.58 -6.99 -17.27
CA GLY B 21 -2.80 -5.88 -18.20
C GLY B 21 -3.24 -4.55 -17.61
N ILE B 22 -2.98 -4.38 -16.32
CA ILE B 22 -3.28 -3.16 -15.65
C ILE B 22 -2.07 -2.67 -14.79
N VAL B 23 -2.24 -1.55 -14.10
CA VAL B 23 -1.24 -1.06 -13.13
C VAL B 23 -1.17 -2.10 -12.03
N PHE B 24 0.07 -2.45 -11.69
CA PHE B 24 0.39 -3.42 -10.61
C PHE B 24 0.34 -2.63 -9.32
N TYR B 25 -0.44 -3.09 -8.34
CA TYR B 25 -0.79 -2.21 -7.24
C TYR B 25 0.34 -1.57 -6.45
N PRO B 26 1.47 -2.28 -6.17
CA PRO B 26 2.57 -1.58 -5.47
C PRO B 26 3.04 -0.32 -6.22
N ARG B 27 2.89 -0.33 -7.56
CA ARG B 27 3.31 0.79 -8.40
C ARG B 27 2.45 2.05 -8.13
N TYR B 28 1.18 1.85 -7.79
CA TYR B 28 0.35 2.96 -7.36
C TYR B 28 0.95 3.61 -6.16
N PHE B 29 1.53 2.79 -5.26
CA PHE B 29 2.13 3.34 -4.02
C PHE B 29 3.44 4.13 -4.25
N GLU B 30 4.17 3.79 -5.30
N GLU B 30 4.18 3.73 -5.28
CA GLU B 30 5.30 4.61 -5.72
CA GLU B 30 5.30 4.51 -5.77
C GLU B 30 4.76 5.95 -6.31
C GLU B 30 4.77 5.90 -6.16
N LEU B 32 2.02 7.33 -5.34
CA LEU B 32 1.49 8.03 -4.15
C LEU B 32 2.65 8.74 -3.45
N ASN B 33 3.74 8.03 -3.23
CA ASN B 33 4.87 8.62 -2.55
C ASN B 33 5.45 9.78 -3.32
N ASP B 34 5.51 9.64 -4.64
CA ASP B 34 5.98 10.72 -5.49
C ASP B 34 5.11 11.97 -5.33
N PHE B 35 3.82 11.74 -5.19
CA PHE B 35 2.86 12.83 -5.04
C PHE B 35 3.02 13.57 -3.69
N ILE B 36 3.23 12.81 -2.62
N ILE B 36 3.21 12.82 -2.62
CA ILE B 36 3.47 13.37 -1.27
CA ILE B 36 3.45 13.42 -1.31
C ILE B 36 4.78 14.17 -1.32
C ILE B 36 4.77 14.18 -1.32
N GLU B 37 5.76 13.61 -2.00
CA GLU B 37 7.06 14.28 -2.21
C GLU B 37 6.86 15.62 -2.91
N ASP B 38 6.03 15.61 -3.94
CA ASP B 38 5.69 16.84 -4.68
C ASP B 38 5.03 17.89 -3.78
N TRP B 39 4.07 17.40 -3.00
CA TRP B 39 3.37 18.25 -2.01
C TRP B 39 4.33 18.95 -1.04
N PHE B 40 5.22 18.17 -0.48
CA PHE B 40 6.23 18.72 0.42
C PHE B 40 7.13 19.76 -0.25
N ALA B 41 7.58 19.47 -1.47
CA ALA B 41 8.53 20.38 -2.15
C ALA B 41 7.83 21.65 -2.64
N GLN B 42 6.64 21.48 -3.17
N GLN B 42 6.67 21.48 -3.23
CA GLN B 42 5.98 22.53 -3.99
CA GLN B 42 5.98 22.57 -3.95
C GLN B 42 4.92 23.33 -3.23
C GLN B 42 5.15 23.40 -3.00
N ALA B 43 4.32 22.71 -2.22
CA ALA B 43 3.31 23.38 -1.37
C ALA B 43 3.74 23.70 0.06
N LEU B 44 4.55 22.83 0.65
CA LEU B 44 4.95 22.98 2.06
C LEU B 44 6.33 23.55 2.32
N ASP B 45 7.08 23.78 1.25
N ASP B 45 7.06 23.75 1.23
CA ASP B 45 8.43 24.33 1.32
CA ASP B 45 8.41 24.28 1.24
C ASP B 45 9.37 23.51 2.18
C ASP B 45 9.32 23.51 2.20
N TRP B 46 9.21 22.19 2.11
CA TRP B 46 10.07 21.28 2.89
C TRP B 46 10.36 20.04 2.03
N PRO B 47 11.18 20.25 0.99
CA PRO B 47 11.48 19.12 0.08
C PRO B 47 12.23 18.02 0.75
N PHE B 48 12.03 16.82 0.20
CA PHE B 48 12.58 15.64 0.81
C PHE B 48 14.10 15.69 0.90
N ASP B 49 14.77 16.35 -0.07
CA ASP B 49 16.25 16.40 -0.01
C ASP B 49 16.70 17.13 1.26
N ALA B 50 16.04 18.24 1.53
CA ALA B 50 16.33 19.08 2.72
C ALA B 50 15.91 18.38 4.01
N HIS B 52 15.53 15.14 4.68
CA HIS B 52 16.26 13.90 4.93
C HIS B 52 17.74 14.20 5.04
N GLY B 53 18.12 15.38 4.58
CA GLY B 53 19.52 15.79 4.61
C GLY B 53 19.88 16.48 5.90
N ALA B 54 20.02 17.80 5.80
CA ALA B 54 20.30 18.65 6.95
C ALA B 54 19.20 18.46 7.99
N GLY B 55 17.98 18.26 7.52
CA GLY B 55 16.84 18.22 8.42
C GLY B 55 16.84 17.05 9.40
N GLN B 56 17.58 16.01 9.07
CA GLN B 56 17.59 14.76 9.82
C GLN B 56 16.20 14.26 10.20
N ALA B 57 15.29 14.34 9.24
CA ALA B 57 13.88 14.01 9.50
C ALA B 57 13.32 13.14 8.37
N GLY B 58 12.14 12.61 8.64
CA GLY B 58 11.33 11.93 7.64
C GLY B 58 9.87 11.94 8.04
N VAL B 59 9.06 11.47 7.10
CA VAL B 59 7.61 11.34 7.27
C VAL B 59 7.13 9.92 6.93
N PRO B 60 7.62 8.93 7.70
CA PRO B 60 7.17 7.59 7.40
C PRO B 60 5.68 7.39 7.61
N THR B 61 5.15 6.43 6.88
CA THR B 61 3.74 6.08 6.93
C THR B 61 3.45 5.12 8.05
N ALA B 62 2.44 5.48 8.85
CA ALA B 62 1.95 4.68 9.99
C ALA B 62 0.79 3.78 9.63
N ASP B 63 -0.09 4.31 8.78
N ASP B 63 -0.09 4.26 8.77
CA ASP B 63 -1.35 3.65 8.39
CA ASP B 63 -1.22 3.43 8.36
C ASP B 63 -1.67 3.93 6.91
C ASP B 63 -1.79 3.96 7.05
N LEU B 64 -2.14 2.91 6.20
N LEU B 64 -2.40 3.08 6.28
CA LEU B 64 -2.70 3.09 4.84
CA LEU B 64 -2.76 3.37 4.88
C LEU B 64 -4.09 2.42 4.77
C LEU B 64 -3.90 2.45 4.50
N HIS B 65 -5.04 3.09 4.15
CA HIS B 65 -6.20 2.41 3.68
C HIS B 65 -6.42 2.78 2.23
N CYS B 66 -6.41 1.81 1.33
N CYS B 66 -6.56 1.76 1.41
CA CYS B 66 -6.65 2.10 -0.08
CA CYS B 66 -6.73 1.96 -0.01
C CYS B 66 -7.80 1.29 -0.66
C CYS B 66 -8.00 1.28 -0.48
N ARG B 67 -8.73 2.03 -1.30
CA ARG B 67 -9.89 1.49 -2.00
C ARG B 67 -9.58 1.60 -3.47
N PHE B 68 -9.46 0.46 -4.15
CA PHE B 68 -9.27 0.41 -5.58
C PHE B 68 -10.61 0.30 -6.29
N VAL B 69 -10.97 1.35 -7.01
CA VAL B 69 -12.29 1.49 -7.61
C VAL B 69 -12.42 0.97 -9.02
N ALA B 70 -11.42 1.29 -9.85
CA ALA B 70 -11.40 0.84 -11.24
C ALA B 70 -9.95 0.81 -11.66
N PRO B 71 -9.62 -0.06 -12.64
CA PRO B 71 -8.23 -0.23 -13.04
C PRO B 71 -7.74 0.90 -13.92
N SER B 72 -6.43 0.98 -14.03
CA SER B 72 -5.76 1.95 -14.91
C SER B 72 -4.82 1.17 -15.83
N ARG B 73 -4.60 1.76 -16.98
CA ARG B 73 -3.92 1.10 -18.11
C ARG B 73 -2.82 1.94 -18.72
N LEU B 74 -1.90 1.21 -19.33
CA LEU B 74 -0.76 1.81 -20.01
C LEU B 74 -1.22 2.96 -20.89
N GLY B 75 -0.54 4.08 -20.74
CA GLY B 75 -0.72 5.25 -21.57
C GLY B 75 -1.74 6.27 -21.10
N GLU B 76 -2.51 5.93 -20.07
CA GLU B 76 -3.47 6.86 -19.51
C GLU B 76 -2.75 7.89 -18.66
N THR B 77 -3.29 9.08 -18.67
CA THR B 77 -2.85 10.10 -17.72
C THR B 77 -3.85 10.17 -16.58
N LEU B 78 -3.32 10.02 -15.38
CA LEU B 78 -4.12 10.07 -14.18
C LEU B 78 -3.96 11.44 -13.48
N THR B 79 -5.01 11.89 -12.84
CA THR B 79 -4.96 13.08 -11.99
C THR B 79 -4.91 12.65 -10.52
N ARG B 80 -3.99 13.25 -9.79
CA ARG B 80 -3.83 12.99 -8.36
C ARG B 80 -4.30 14.24 -7.59
N GLU B 81 -5.11 14.04 -6.55
CA GLU B 81 -5.56 15.10 -5.65
C GLU B 81 -5.29 14.77 -4.21
N LEU B 82 -4.81 15.76 -3.47
CA LEU B 82 -4.58 15.63 -2.04
C LEU B 82 -5.41 16.62 -1.23
N ARG B 83 -5.99 16.07 -0.18
CA ARG B 83 -6.69 16.81 0.87
C ARG B 83 -6.19 16.34 2.23
N VAL B 84 -6.15 17.25 3.20
CA VAL B 84 -5.76 16.85 4.55
C VAL B 84 -7.01 16.56 5.35
N VAL B 85 -7.00 15.41 5.99
CA VAL B 85 -8.09 14.94 6.86
C VAL B 85 -7.95 15.43 8.30
N LYS B 86 -6.76 15.29 8.84
CA LYS B 86 -6.47 15.54 10.25
C LYS B 86 -5.02 15.97 10.35
N LEU B 87 -4.77 16.92 11.24
CA LEU B 87 -3.44 17.51 11.45
C LEU B 87 -3.17 17.64 12.94
N GLY B 88 -2.16 16.94 13.42
CA GLY B 88 -1.68 17.03 14.79
C GLY B 88 -0.38 17.80 14.84
N GLN B 89 0.40 17.54 15.87
CA GLN B 89 1.68 18.20 16.03
C GLN B 89 2.77 17.45 15.29
N SER B 90 2.71 16.11 15.32
CA SER B 90 3.66 15.21 14.62
C SER B 90 3.02 14.38 13.48
N SER B 91 1.83 13.89 13.77
CA SER B 91 1.05 13.05 12.87
C SER B 91 0.19 13.91 11.98
N PHE B 92 -0.06 13.40 10.78
CA PHE B 92 -0.97 14.01 9.83
C PHE B 92 -1.57 12.93 8.93
N THR B 93 -2.84 13.13 8.62
CA THR B 93 -3.60 12.21 7.76
C THR B 93 -4.09 12.90 6.53
N VAL B 94 -3.78 12.28 5.39
CA VAL B 94 -4.18 12.81 4.10
C VAL B 94 -5.09 11.83 3.38
N GLN B 95 -5.89 12.38 2.49
CA GLN B 95 -6.70 11.60 1.55
C GLN B 95 -6.26 11.95 0.16
N VAL B 96 -5.86 10.92 -0.58
CA VAL B 96 -5.44 11.09 -1.96
C VAL B 96 -6.35 10.31 -2.89
N ARG B 97 -6.78 10.99 -3.95
CA ARG B 97 -7.58 10.39 -5.02
C ARG B 97 -6.77 10.36 -6.29
N PHE B 98 -6.83 9.23 -7.00
CA PHE B 98 -6.38 9.13 -8.38
C PHE B 98 -7.61 8.98 -9.26
N GLY B 100 -9.06 9.01 -13.50
CA GLY B 100 -8.68 8.81 -14.88
C GLY B 100 -8.88 10.06 -15.71
N PRO B 101 -8.59 9.95 -17.01
CA PRO B 101 -8.62 11.13 -17.84
C PRO B 101 -10.03 11.69 -18.09
N ASP B 102 -11.05 10.86 -17.91
CA ASP B 102 -12.45 11.35 -17.94
C ASP B 102 -13.07 11.48 -16.54
N SER B 103 -12.18 11.61 -15.57
CA SER B 103 -12.53 11.86 -14.15
C SER B 103 -13.11 10.66 -13.38
N GLY B 104 -13.01 9.46 -13.92
CA GLY B 104 -13.49 8.28 -13.23
C GLY B 104 -12.55 8.00 -12.06
N LEU B 105 -13.10 7.74 -10.87
CA LEU B 105 -12.26 7.47 -9.71
C LEU B 105 -11.57 6.12 -9.87
N ARG B 106 -10.25 6.12 -9.67
CA ARG B 106 -9.47 4.88 -9.80
C ARG B 106 -9.11 4.30 -8.46
N LEU B 107 -8.66 5.18 -7.58
CA LEU B 107 -8.37 4.75 -6.20
C LEU B 107 -8.46 5.92 -5.25
N GLU B 108 -8.78 5.59 -4.01
CA GLU B 108 -8.75 6.56 -2.93
C GLU B 108 -8.02 5.98 -1.74
N VAL B 109 -7.01 6.70 -1.28
N VAL B 109 -7.00 6.72 -1.33
CA VAL B 109 -6.17 6.22 -0.18
CA VAL B 109 -6.10 6.40 -0.22
C VAL B 109 -6.13 7.27 0.92
C VAL B 109 -6.37 7.33 0.94
N THR B 110 -6.39 6.77 2.13
CA THR B 110 -6.35 7.57 3.36
C THR B 110 -5.08 7.10 4.07
N GLN B 111 -4.20 8.04 4.36
CA GLN B 111 -2.83 7.69 4.79
C GLN B 111 -2.42 8.54 5.98
N ARG B 112 -1.94 7.92 7.05
CA ARG B 112 -1.42 8.66 8.18
C ARG B 112 0.07 8.53 8.19
N LEU B 113 0.72 9.67 8.24
CA LEU B 113 2.16 9.80 8.29
C LEU B 113 2.59 10.46 9.59
N VAL B 114 3.82 10.19 10.01
CA VAL B 114 4.32 10.78 11.25
C VAL B 114 5.70 11.38 11.06
N CYS B 115 5.90 12.59 11.56
CA CYS B 115 7.19 13.26 11.39
C CYS B 115 8.14 12.65 12.41
N VAL B 116 9.30 12.22 11.96
CA VAL B 116 10.27 11.59 12.85
C VAL B 116 11.66 12.17 12.71
N ASP B 117 12.41 12.05 13.81
N ASP B 117 12.46 12.00 13.77
CA ASP B 117 13.85 12.24 13.81
CA ASP B 117 13.87 12.38 13.74
C ASP B 117 14.43 10.99 13.20
C ASP B 117 14.67 11.13 13.44
N THR B 118 15.38 11.17 12.31
CA THR B 118 16.01 10.01 11.70
C THR B 118 17.32 9.65 12.38
N ASP B 119 17.71 10.46 13.35
CA ASP B 119 18.98 10.25 14.03
C ASP B 119 18.80 10.24 15.54
N LYS B 120 18.18 9.19 16.09
CA LYS B 120 17.60 8.10 15.32
C LYS B 120 16.10 8.12 15.55
N ILE B 121 15.41 7.19 14.88
CA ILE B 121 13.93 7.18 14.86
C ILE B 121 13.34 7.58 16.22
N ALA B 122 12.47 8.59 16.15
CA ALA B 122 11.70 9.06 17.29
C ALA B 122 10.81 10.17 16.78
N PRO B 123 9.53 10.12 17.12
CA PRO B 123 8.62 11.15 16.64
C PRO B 123 9.09 12.52 17.06
N ARG B 124 8.77 13.50 16.22
CA ARG B 124 9.04 14.89 16.53
C ARG B 124 7.95 15.73 15.90
N PRO B 125 7.82 16.97 16.35
CA PRO B 125 6.83 17.87 15.80
C PRO B 125 7.20 18.32 14.40
N LEU B 126 6.19 18.51 13.57
CA LEU B 126 6.41 19.14 12.28
C LEU B 126 6.94 20.55 12.49
N PRO B 127 7.75 21.05 11.57
CA PRO B 127 8.11 22.46 11.66
C PRO B 127 6.87 23.35 11.65
N ASP B 128 6.90 24.43 12.42
CA ASP B 128 5.73 25.33 12.48
C ASP B 128 5.22 25.81 11.10
N PRO B 129 6.13 26.27 10.22
CA PRO B 129 5.68 26.75 8.90
C PRO B 129 5.03 25.64 8.06
N VAL B 130 5.55 24.44 8.23
CA VAL B 130 5.05 23.29 7.47
C VAL B 130 3.63 22.97 7.93
N ARG B 131 3.42 22.90 9.25
N ARG B 131 3.45 22.92 9.24
CA ARG B 131 2.08 22.60 9.77
CA ARG B 131 2.13 22.62 9.83
C ARG B 131 1.10 23.68 9.31
C ARG B 131 1.12 23.67 9.36
N GLN B 132 1.56 24.93 9.32
CA GLN B 132 0.68 26.03 8.93
C GLN B 132 0.29 25.92 7.47
N ALA B 133 1.27 25.58 6.63
CA ALA B 133 0.99 25.31 5.21
C ALA B 133 0.02 24.11 5.04
N ALA B 135 -2.25 23.13 7.03
CA ALA B 135 -3.59 23.48 7.56
C ALA B 135 -4.50 24.02 6.45
N THR B 136 -3.89 24.65 5.47
CA THR B 136 -4.63 25.24 4.37
C THR B 136 -5.29 24.15 3.50
N TYR B 137 -4.79 22.92 3.60
CA TYR B 137 -5.32 21.81 2.77
C TYR B 137 -6.38 21.00 3.50
N VAL B 138 -6.65 21.39 4.73
CA VAL B 138 -7.60 20.66 5.56
C VAL B 138 -8.97 20.73 4.93
N ASP B 139 -9.58 19.55 4.79
CA ASP B 139 -10.97 19.41 4.32
C ASP B 139 -11.86 19.07 5.51
N GLU B 140 -12.55 20.07 6.00
N GLU B 140 -12.55 20.07 6.00
CA GLU B 140 -13.37 19.94 7.21
CA GLU B 140 -13.35 19.95 7.22
C GLU B 140 -14.42 18.88 7.03
C GLU B 140 -14.59 19.09 7.04
N THR B 141 -14.88 18.75 5.80
CA THR B 141 -15.97 17.80 5.49
C THR B 141 -15.52 16.35 5.68
N LEU B 142 -14.21 16.10 5.77
CA LEU B 142 -13.68 14.72 5.90
C LEU B 142 -13.48 14.33 7.36
N ALA B 143 -13.45 15.34 8.23
CA ALA B 143 -13.22 15.18 9.69
C ALA B 143 -14.05 14.04 10.31
#